data_3SM3
#
_entry.id   3SM3
#
_cell.length_a   51.589
_cell.length_b   51.589
_cell.length_c   207.028
_cell.angle_alpha   90.000
_cell.angle_beta   90.000
_cell.angle_gamma   90.000
#
_symmetry.space_group_name_H-M   'P 41 2 2'
#
loop_
_entity.id
_entity.type
_entity.pdbx_description
1 polymer 'SAM-dependent methyltransferases'
2 non-polymer 'CALCIUM ION'
3 non-polymer DI(HYDROXYETHYL)ETHER
4 water water
#
_entity_poly.entity_id   1
_entity_poly.type   'polypeptide(L)'
_entity_poly.pdbx_seq_one_letter_code
;MPESYWEKVSGKNIPSSLDLYPIIHNYLQEDDEILDIGCGSGKISLELASKGYSVTGIDINSEAIRLAETAARSPGLNQK
TGGKAEFKVENASSLSFHDSSFDFAVMQAFLTSVPDPKERSRIIKEVFRVLKPGAYLYLVEFGQNWHLKLYRKRYLHDFP
ITKEEGSFLARDPETGETEFIAHHFTEKELVFLLTDCRFEIDYFRVKELETRTGNKILGFVIIAQKLLEHHHHHH
;
_entity_poly.pdbx_strand_id   A
#
loop_
_chem_comp.id
_chem_comp.type
_chem_comp.name
_chem_comp.formula
CA non-polymer 'CALCIUM ION' 'Ca 2'
PEG non-polymer DI(HYDROXYETHYL)ETHER 'C4 H10 O3'
#
# COMPACT_ATOMS: atom_id res chain seq x y z
N LEU A 18 0.73 1.48 -11.52
CA LEU A 18 1.65 1.70 -10.41
C LEU A 18 2.71 0.59 -10.25
N ASP A 19 3.88 0.85 -10.80
CA ASP A 19 4.98 -0.10 -10.70
C ASP A 19 5.73 0.08 -9.39
N LEU A 20 6.63 -0.85 -9.11
CA LEU A 20 7.56 -0.72 -8.01
C LEU A 20 8.61 0.31 -8.39
N TYR A 21 8.83 1.29 -7.52
CA TYR A 21 9.93 2.20 -7.73
C TYR A 21 11.24 1.50 -7.42
N PRO A 22 12.24 1.72 -8.29
CA PRO A 22 13.61 1.17 -8.20
C PRO A 22 14.24 1.31 -6.82
N ILE A 23 13.91 2.40 -6.12
CA ILE A 23 14.49 2.65 -4.80
C ILE A 23 14.34 1.41 -3.91
N ILE A 24 13.25 0.68 -4.08
CA ILE A 24 13.00 -0.45 -3.19
C ILE A 24 14.17 -1.44 -3.20
N HIS A 25 14.86 -1.54 -4.34
CA HIS A 25 15.93 -2.53 -4.47
C HIS A 25 17.21 -2.13 -3.75
N ASN A 26 17.28 -0.89 -3.31
CA ASN A 26 18.40 -0.47 -2.47
C ASN A 26 18.22 -0.92 -1.03
N TYR A 27 16.98 -1.22 -0.65
CA TYR A 27 16.67 -1.55 0.74
C TYR A 27 16.38 -3.04 0.97
N LEU A 28 16.01 -3.74 -0.09
CA LEU A 28 15.78 -5.18 -0.04
C LEU A 28 17.10 -5.96 0.08
N GLN A 29 17.11 -7.01 0.89
CA GLN A 29 18.26 -7.92 0.95
C GLN A 29 17.83 -9.31 0.45
N GLU A 30 18.80 -10.08 -0.05
CA GLU A 30 18.50 -11.35 -0.75
C GLU A 30 17.42 -12.24 -0.13
N ASP A 31 17.55 -12.55 1.16
CA ASP A 31 16.65 -13.50 1.81
C ASP A 31 15.53 -12.83 2.62
N ASP A 32 15.14 -11.62 2.24
CA ASP A 32 14.06 -10.92 2.93
C ASP A 32 12.74 -11.64 2.71
N GLU A 33 11.99 -11.82 3.80
CA GLU A 33 10.60 -12.27 3.72
C GLU A 33 9.70 -11.03 3.64
N ILE A 34 8.98 -10.88 2.54
CA ILE A 34 8.21 -9.67 2.30
C ILE A 34 6.71 -9.84 2.50
N LEU A 35 6.09 -8.87 3.18
CA LEU A 35 4.63 -8.83 3.26
C LEU A 35 4.09 -7.76 2.31
N ASP A 36 3.26 -8.16 1.37
CA ASP A 36 2.60 -7.20 0.46
C ASP A 36 1.16 -6.94 0.93
N ILE A 37 0.95 -5.84 1.65
CA ILE A 37 -0.37 -5.53 2.19
C ILE A 37 -1.28 -4.90 1.15
N GLY A 38 -2.40 -5.55 0.88
CA GLY A 38 -3.31 -5.08 -0.14
C GLY A 38 -2.82 -5.49 -1.51
N CYS A 39 -2.59 -6.78 -1.70
CA CYS A 39 -1.93 -7.29 -2.89
C CYS A 39 -2.81 -7.29 -4.14
N GLY A 40 -4.11 -7.08 -3.97
CA GLY A 40 -5.04 -7.17 -5.08
C GLY A 40 -4.88 -8.51 -5.79
N SER A 41 -4.81 -8.49 -7.11
CA SER A 41 -4.66 -9.74 -7.87
C SER A 41 -3.21 -10.17 -8.06
N GLY A 42 -2.31 -9.50 -7.33
CA GLY A 42 -0.98 -10.01 -7.09
C GLY A 42 0.14 -9.58 -8.03
N LYS A 43 -0.10 -8.52 -8.78
CA LYS A 43 0.89 -8.05 -9.73
C LYS A 43 2.25 -7.81 -9.05
N ILE A 44 2.23 -7.10 -7.94
CA ILE A 44 3.46 -6.69 -7.27
C ILE A 44 4.14 -7.83 -6.52
N SER A 45 3.35 -8.66 -5.84
CA SER A 45 3.86 -9.86 -5.18
C SER A 45 4.58 -10.78 -6.18
N LEU A 46 3.98 -10.96 -7.35
CA LEU A 46 4.52 -11.85 -8.38
C LEU A 46 5.76 -11.25 -9.02
N GLU A 47 5.79 -9.94 -9.14
CA GLU A 47 6.98 -9.25 -9.61
C GLU A 47 8.14 -9.45 -8.63
N LEU A 48 7.86 -9.32 -7.34
CA LEU A 48 8.89 -9.55 -6.34
C LEU A 48 9.31 -11.03 -6.30
N ALA A 49 8.33 -11.94 -6.42
CA ALA A 49 8.65 -13.35 -6.41
C ALA A 49 9.58 -13.63 -7.59
N SER A 50 9.20 -13.13 -8.76
CA SER A 50 10.01 -13.25 -9.98
C SER A 50 11.46 -12.81 -9.78
N LYS A 51 11.65 -11.79 -8.95
CA LYS A 51 12.98 -11.27 -8.70
C LYS A 51 13.70 -12.02 -7.59
N GLY A 52 13.11 -13.12 -7.14
CA GLY A 52 13.82 -14.03 -6.24
C GLY A 52 13.46 -13.84 -4.79
N TYR A 53 12.43 -13.06 -4.51
CA TYR A 53 12.01 -12.85 -3.11
C TYR A 53 10.88 -13.77 -2.70
N SER A 54 10.86 -14.07 -1.41
CA SER A 54 9.77 -14.83 -0.80
C SER A 54 8.75 -13.79 -0.34
N VAL A 55 7.54 -13.84 -0.88
CA VAL A 55 6.57 -12.81 -0.58
C VAL A 55 5.22 -13.38 -0.18
N THR A 56 4.64 -12.82 0.88
CA THR A 56 3.25 -13.15 1.22
C THR A 56 2.36 -11.99 0.83
N GLY A 57 1.43 -12.24 -0.09
CA GLY A 57 0.49 -11.23 -0.53
C GLY A 57 -0.82 -11.32 0.24
N ILE A 58 -1.22 -10.19 0.81
CA ILE A 58 -2.35 -10.14 1.73
C ILE A 58 -3.48 -9.26 1.18
N ASP A 59 -4.73 -9.71 1.33
CA ASP A 59 -5.86 -8.91 0.89
C ASP A 59 -7.14 -9.37 1.59
N ILE A 60 -8.05 -8.43 1.81
CA ILE A 60 -9.28 -8.71 2.54
C ILE A 60 -10.27 -9.56 1.76
N ASN A 61 -10.29 -9.42 0.43
CA ASN A 61 -11.29 -10.13 -0.35
C ASN A 61 -10.78 -11.36 -1.07
N SER A 62 -11.53 -12.45 -0.93
CA SER A 62 -11.17 -13.74 -1.47
C SER A 62 -11.12 -13.73 -3.00
N GLU A 63 -11.88 -12.83 -3.62
CA GLU A 63 -11.87 -12.74 -5.08
C GLU A 63 -10.45 -12.46 -5.55
N ALA A 64 -9.92 -11.32 -5.12
CA ALA A 64 -8.57 -10.92 -5.45
C ALA A 64 -7.56 -12.03 -5.14
N ILE A 65 -7.66 -12.61 -3.95
CA ILE A 65 -6.74 -13.68 -3.57
C ILE A 65 -6.82 -14.87 -4.51
N ARG A 66 -8.04 -15.20 -4.91
CA ARG A 66 -8.23 -16.33 -5.82
C ARG A 66 -7.54 -16.03 -7.14
N LEU A 67 -7.84 -14.88 -7.72
CA LEU A 67 -7.19 -14.45 -8.96
C LEU A 67 -5.66 -14.50 -8.82
N ALA A 68 -5.15 -14.08 -7.67
CA ALA A 68 -3.71 -14.03 -7.41
C ALA A 68 -3.05 -15.41 -7.46
N GLU A 69 -3.71 -16.39 -6.83
CA GLU A 69 -3.23 -17.78 -6.88
C GLU A 69 -3.38 -18.35 -8.29
N THR A 70 -4.37 -17.86 -9.02
CA THR A 70 -4.54 -18.17 -10.43
C THR A 70 -3.32 -17.70 -11.20
N ALA A 71 -3.07 -16.39 -11.15
CA ALA A 71 -1.94 -15.79 -11.85
C ALA A 71 -0.65 -16.49 -11.44
N ALA A 72 -0.54 -16.85 -10.17
CA ALA A 72 0.67 -17.43 -9.61
C ALA A 72 1.03 -18.81 -10.17
N ARG A 73 0.06 -19.46 -10.82
CA ARG A 73 0.30 -20.74 -11.47
C ARG A 73 1.00 -20.55 -12.82
N SER A 74 0.46 -19.66 -13.65
CA SER A 74 1.04 -19.30 -14.94
C SER A 74 2.56 -19.21 -14.89
N PRO A 75 3.24 -19.87 -15.85
CA PRO A 75 4.68 -20.15 -15.76
C PRO A 75 5.60 -19.37 -16.70
N GLY A 76 6.91 -19.53 -16.48
CA GLY A 76 7.94 -18.92 -17.31
C GLY A 76 8.16 -17.45 -17.01
N LEU A 77 7.53 -16.97 -15.95
CA LEU A 77 7.58 -15.57 -15.61
C LEU A 77 8.96 -15.12 -15.08
N ASN A 78 9.65 -15.99 -14.34
CA ASN A 78 10.73 -15.53 -13.46
C ASN A 78 12.01 -15.05 -14.12
N GLN A 79 12.53 -13.93 -13.64
CA GLN A 79 13.83 -13.46 -14.08
C GLN A 79 14.92 -13.92 -13.11
N LYS A 80 14.53 -14.39 -11.93
CA LYS A 80 15.50 -14.92 -10.96
C LYS A 80 14.96 -16.21 -10.36
N THR A 81 15.83 -16.98 -9.74
CA THR A 81 15.43 -18.18 -9.01
C THR A 81 15.29 -17.83 -7.53
N GLY A 82 14.62 -18.68 -6.76
CA GLY A 82 14.62 -18.51 -5.32
C GLY A 82 13.32 -17.99 -4.73
N GLY A 83 12.60 -17.20 -5.50
CA GLY A 83 11.42 -16.55 -4.99
C GLY A 83 10.20 -17.43 -4.99
N LYS A 84 9.22 -17.06 -4.19
CA LYS A 84 7.94 -17.73 -4.17
C LYS A 84 6.91 -16.72 -3.68
N ALA A 85 5.67 -16.93 -4.07
CA ALA A 85 4.60 -16.05 -3.66
C ALA A 85 3.43 -16.87 -3.14
N GLU A 86 3.00 -16.56 -1.93
CA GLU A 86 1.81 -17.16 -1.33
C GLU A 86 0.81 -16.06 -1.00
N PHE A 87 -0.47 -16.37 -1.12
CA PHE A 87 -1.50 -15.38 -0.89
C PHE A 87 -2.50 -15.83 0.16
N LYS A 88 -2.99 -14.88 0.95
CA LYS A 88 -3.90 -15.17 2.03
C LYS A 88 -4.90 -14.03 2.22
N VAL A 89 -6.15 -14.38 2.48
CA VAL A 89 -7.15 -13.37 2.82
C VAL A 89 -6.90 -12.92 4.25
N GLU A 90 -6.62 -11.63 4.44
CA GLU A 90 -6.36 -11.10 5.77
C GLU A 90 -7.07 -9.77 6.00
N ASN A 91 -7.41 -9.51 7.26
CA ASN A 91 -7.82 -8.17 7.65
C ASN A 91 -6.61 -7.44 8.24
N ALA A 92 -6.19 -6.37 7.57
CA ALA A 92 -4.93 -5.72 7.88
C ALA A 92 -4.88 -5.07 9.26
N SER A 93 -6.03 -4.82 9.86
CA SER A 93 -6.01 -4.30 11.22
C SER A 93 -6.00 -5.44 12.24
N SER A 94 -5.97 -6.68 11.75
CA SER A 94 -5.88 -7.84 12.63
C SER A 94 -5.16 -9.03 12.01
N LEU A 95 -3.86 -8.89 11.74
CA LEU A 95 -3.12 -9.92 11.04
C LEU A 95 -2.93 -11.19 11.88
N SER A 96 -3.01 -12.34 11.22
CA SER A 96 -2.84 -13.63 11.89
C SER A 96 -1.39 -13.89 12.27
N PHE A 97 -0.47 -13.19 11.61
CA PHE A 97 0.96 -13.46 11.73
C PHE A 97 1.54 -13.07 13.08
N HIS A 98 2.64 -13.71 13.45
CA HIS A 98 3.29 -13.43 14.72
C HIS A 98 4.13 -12.15 14.68
N ASP A 99 4.48 -11.64 15.86
CA ASP A 99 5.37 -10.49 15.93
C ASP A 99 6.66 -10.84 15.21
N SER A 100 7.28 -9.83 14.59
CA SER A 100 8.56 -10.03 13.93
C SER A 100 8.57 -11.23 12.97
N SER A 101 7.53 -11.32 12.13
CA SER A 101 7.44 -12.35 11.10
C SER A 101 8.15 -11.99 9.78
N PHE A 102 8.37 -10.71 9.54
CA PHE A 102 8.77 -10.23 8.20
C PHE A 102 9.95 -9.26 8.23
N ASP A 103 10.75 -9.30 7.16
CA ASP A 103 11.89 -8.42 7.03
C ASP A 103 11.53 -7.13 6.32
N PHE A 104 10.41 -7.15 5.60
CA PHE A 104 10.09 -6.06 4.69
C PHE A 104 8.59 -6.07 4.43
N ALA A 105 7.99 -4.88 4.38
CA ALA A 105 6.58 -4.76 4.01
C ALA A 105 6.42 -3.78 2.85
N VAL A 106 5.48 -4.09 1.95
CA VAL A 106 5.12 -3.13 0.92
C VAL A 106 3.64 -2.78 0.98
N MET A 107 3.36 -1.48 0.95
CA MET A 107 1.99 -0.99 1.05
C MET A 107 1.74 0.03 -0.07
N GLN A 108 1.26 -0.46 -1.21
CA GLN A 108 1.13 0.38 -2.38
C GLN A 108 -0.33 0.78 -2.66
N ALA A 109 -0.64 2.06 -2.46
CA ALA A 109 -2.00 2.54 -2.69
C ALA A 109 -3.02 1.68 -1.95
N PHE A 110 -2.75 1.41 -0.67
CA PHE A 110 -3.63 0.58 0.13
C PHE A 110 -4.46 1.40 1.10
N LEU A 111 -3.78 2.24 1.87
CA LEU A 111 -4.42 3.03 2.90
C LEU A 111 -5.46 3.99 2.32
N THR A 112 -5.28 4.33 1.05
CA THR A 112 -6.18 5.23 0.34
C THR A 112 -7.59 4.67 0.29
N SER A 113 -7.71 3.35 0.38
CA SER A 113 -9.01 2.69 0.35
C SER A 113 -9.57 2.43 1.74
N VAL A 114 -8.86 2.84 2.78
CA VAL A 114 -9.32 2.63 4.14
C VAL A 114 -9.95 3.92 4.69
N PRO A 115 -11.28 3.96 4.79
CA PRO A 115 -11.98 5.21 5.08
C PRO A 115 -11.86 5.73 6.51
N ASP A 116 -11.45 4.89 7.45
CA ASP A 116 -11.36 5.32 8.84
C ASP A 116 -9.91 5.62 9.27
N PRO A 117 -9.61 6.89 9.58
CA PRO A 117 -8.26 7.27 10.00
C PRO A 117 -7.77 6.49 11.21
N LYS A 118 -8.69 6.03 12.05
CA LYS A 118 -8.31 5.23 13.20
C LYS A 118 -8.01 3.81 12.75
N GLU A 119 -8.77 3.35 11.78
CA GLU A 119 -8.47 2.06 11.16
C GLU A 119 -7.08 2.09 10.51
N ARG A 120 -6.70 3.24 9.94
CA ARG A 120 -5.40 3.34 9.30
C ARG A 120 -4.25 3.24 10.29
N SER A 121 -4.40 3.82 11.47
CA SER A 121 -3.34 3.71 12.48
C SER A 121 -3.24 2.27 12.95
N ARG A 122 -4.38 1.62 13.08
CA ARG A 122 -4.42 0.25 13.58
C ARG A 122 -3.74 -0.68 12.59
N ILE A 123 -3.76 -0.29 11.32
CA ILE A 123 -3.10 -1.09 10.29
C ILE A 123 -1.59 -0.90 10.38
N ILE A 124 -1.17 0.36 10.48
CA ILE A 124 0.24 0.68 10.66
C ILE A 124 0.82 0.02 11.92
N LYS A 125 0.06 0.01 13.02
CA LYS A 125 0.51 -0.66 14.25
C LYS A 125 0.70 -2.16 14.02
N GLU A 126 -0.21 -2.77 13.26
CA GLU A 126 -0.09 -4.18 12.89
C GLU A 126 1.13 -4.46 12.00
N VAL A 127 1.41 -3.56 11.05
CA VAL A 127 2.58 -3.73 10.21
C VAL A 127 3.82 -3.61 11.08
N PHE A 128 3.84 -2.60 11.93
CA PHE A 128 4.95 -2.42 12.85
C PHE A 128 5.16 -3.71 13.66
N ARG A 129 4.07 -4.27 14.16
CA ARG A 129 4.13 -5.47 14.99
C ARG A 129 4.72 -6.69 14.26
N VAL A 130 4.29 -6.93 13.02
CA VAL A 130 4.71 -8.14 12.32
C VAL A 130 6.05 -7.98 11.64
N LEU A 131 6.59 -6.77 11.67
CA LEU A 131 7.91 -6.50 11.13
C LEU A 131 8.99 -6.72 12.20
N LYS A 132 10.15 -7.22 11.79
CA LYS A 132 11.25 -7.37 12.73
C LYS A 132 11.82 -6.00 13.06
N PRO A 133 12.62 -5.93 14.14
CA PRO A 133 13.31 -4.68 14.48
C PRO A 133 14.16 -4.20 13.31
N GLY A 134 14.09 -2.91 12.99
CA GLY A 134 14.90 -2.36 11.93
C GLY A 134 14.52 -2.80 10.52
N ALA A 135 13.39 -3.50 10.39
CA ALA A 135 12.85 -3.84 9.07
C ALA A 135 12.39 -2.57 8.37
N TYR A 136 12.31 -2.61 7.04
CA TYR A 136 11.86 -1.46 6.29
C TYR A 136 10.42 -1.64 5.80
N LEU A 137 9.75 -0.51 5.61
CA LEU A 137 8.43 -0.49 5.03
C LEU A 137 8.45 0.42 3.80
N TYR A 138 7.95 -0.10 2.69
CA TYR A 138 7.88 0.63 1.45
C TYR A 138 6.43 1.04 1.28
N LEU A 139 6.19 2.34 1.17
CA LEU A 139 4.82 2.84 1.12
C LEU A 139 4.64 3.85 0.00
N VAL A 140 3.57 3.69 -0.78
CA VAL A 140 3.25 4.61 -1.87
C VAL A 140 1.81 5.06 -1.69
N GLU A 141 1.60 6.37 -1.66
CA GLU A 141 0.24 6.89 -1.50
C GLU A 141 -0.02 8.16 -2.28
N PHE A 142 -1.29 8.41 -2.53
CA PHE A 142 -1.71 9.61 -3.24
C PHE A 142 -1.82 10.80 -2.31
N GLY A 143 -1.33 11.95 -2.77
CA GLY A 143 -1.39 13.15 -1.99
C GLY A 143 -2.64 13.93 -2.29
N GLN A 144 -2.97 14.91 -1.46
CA GLN A 144 -4.09 15.78 -1.73
C GLN A 144 -3.66 16.82 -2.76
N ASN A 145 -4.15 16.65 -4.00
CA ASN A 145 -3.80 17.58 -5.06
C ASN A 145 -4.70 18.82 -5.12
N TRP A 146 -4.59 19.67 -4.10
CA TRP A 146 -5.36 20.92 -4.06
C TRP A 146 -5.08 21.83 -5.27
N HIS A 147 -3.86 21.75 -5.78
CA HIS A 147 -3.42 22.57 -6.91
C HIS A 147 -4.12 22.20 -8.20
N LEU A 148 -4.74 21.02 -8.23
CA LEU A 148 -5.48 20.58 -9.42
C LEU A 148 -6.96 20.92 -9.24
N LYS A 149 -7.42 21.88 -10.02
CA LYS A 149 -8.76 22.41 -9.89
C LYS A 149 -9.83 21.32 -9.75
N LEU A 150 -9.76 20.29 -10.58
CA LEU A 150 -10.78 19.25 -10.56
C LEU A 150 -10.70 18.39 -9.29
N TYR A 151 -9.51 18.26 -8.72
CA TYR A 151 -9.43 17.51 -7.47
C TYR A 151 -9.88 18.39 -6.28
N ARG A 152 -9.51 19.66 -6.32
CA ARG A 152 -9.95 20.60 -5.29
C ARG A 152 -11.49 20.60 -5.23
N LYS A 153 -12.11 20.72 -6.41
CA LYS A 153 -13.56 20.65 -6.56
C LYS A 153 -14.18 19.35 -6.01
N ARG A 154 -13.60 18.21 -6.38
CA ARG A 154 -14.07 16.95 -5.81
C ARG A 154 -13.97 16.88 -4.28
N TYR A 155 -12.84 17.32 -3.72
CA TYR A 155 -12.66 17.35 -2.27
C TYR A 155 -13.71 18.24 -1.61
N LEU A 156 -13.92 19.42 -2.18
CA LEU A 156 -14.87 20.38 -1.64
C LEU A 156 -16.28 19.79 -1.69
N HIS A 157 -16.62 19.19 -2.82
CA HIS A 157 -17.95 18.63 -3.02
C HIS A 157 -18.27 17.48 -2.07
N ASP A 158 -17.30 16.59 -1.84
CA ASP A 158 -17.58 15.36 -1.09
C ASP A 158 -17.35 15.41 0.41
N PHE A 159 -16.58 16.38 0.88
CA PHE A 159 -16.37 16.52 2.32
C PHE A 159 -17.66 16.46 3.16
N PRO A 160 -18.75 17.12 2.72
CA PRO A 160 -19.98 17.08 3.51
C PRO A 160 -20.54 15.65 3.62
N ILE A 161 -20.22 14.80 2.64
CA ILE A 161 -20.62 13.40 2.67
C ILE A 161 -19.65 12.52 3.45
N THR A 162 -18.36 12.65 3.13
CA THR A 162 -17.36 11.76 3.72
C THR A 162 -16.97 12.25 5.09
N LYS A 163 -17.08 13.56 5.29
CA LYS A 163 -16.77 14.18 6.59
C LYS A 163 -15.30 14.04 6.99
N GLU A 164 -14.48 13.55 6.06
CA GLU A 164 -13.04 13.53 6.26
C GLU A 164 -12.33 14.35 5.18
N GLU A 165 -11.38 15.17 5.61
CA GLU A 165 -10.60 15.98 4.68
C GLU A 165 -9.77 15.09 3.75
N GLY A 166 -9.87 15.34 2.44
CA GLY A 166 -9.17 14.53 1.47
C GLY A 166 -9.84 13.21 1.10
N SER A 167 -10.93 12.88 1.77
CA SER A 167 -11.74 11.71 1.36
C SER A 167 -12.87 12.12 0.44
N PHE A 168 -13.04 11.39 -0.66
CA PHE A 168 -14.10 11.70 -1.61
C PHE A 168 -14.69 10.42 -2.18
N LEU A 169 -15.68 10.57 -3.05
CA LEU A 169 -16.34 9.43 -3.64
C LEU A 169 -15.89 9.25 -5.07
N ALA A 170 -15.44 8.05 -5.40
CA ALA A 170 -15.24 7.66 -6.78
C ALA A 170 -16.60 7.26 -7.32
N ARG A 171 -16.92 7.69 -8.53
CA ARG A 171 -18.26 7.54 -9.06
C ARG A 171 -18.29 6.72 -10.36
N ASP A 172 -19.39 6.00 -10.61
CA ASP A 172 -19.52 5.27 -11.87
C ASP A 172 -19.51 6.27 -13.03
N PRO A 173 -18.69 6.01 -14.05
CA PRO A 173 -18.50 6.92 -15.18
C PRO A 173 -19.75 7.20 -16.01
N GLU A 174 -20.73 6.30 -16.00
CA GLU A 174 -21.87 6.41 -16.93
C GLU A 174 -23.10 6.86 -16.17
N THR A 175 -23.04 6.63 -14.87
CA THR A 175 -24.20 6.65 -14.03
C THR A 175 -24.05 7.65 -12.87
N GLY A 176 -22.81 7.89 -12.43
CA GLY A 176 -22.54 8.86 -11.38
C GLY A 176 -22.80 8.29 -10.00
N GLU A 177 -23.19 7.02 -9.94
CA GLU A 177 -23.43 6.40 -8.66
C GLU A 177 -22.13 6.24 -7.88
N THR A 178 -22.21 6.41 -6.57
CA THR A 178 -21.06 6.20 -5.69
C THR A 178 -20.60 4.76 -5.74
N GLU A 179 -19.33 4.56 -6.04
CA GLU A 179 -18.75 3.22 -5.99
C GLU A 179 -17.95 2.99 -4.71
N PHE A 180 -17.02 3.90 -4.39
CA PHE A 180 -16.25 3.79 -3.15
C PHE A 180 -15.64 5.09 -2.68
N ILE A 181 -15.21 5.08 -1.42
CA ILE A 181 -14.55 6.20 -0.79
C ILE A 181 -13.04 6.09 -0.99
N ALA A 182 -12.44 7.14 -1.53
CA ALA A 182 -11.00 7.22 -1.66
C ALA A 182 -10.49 8.32 -0.73
N HIS A 183 -9.30 8.10 -0.15
CA HIS A 183 -8.68 9.13 0.69
C HIS A 183 -7.35 9.56 0.09
N HIS A 184 -7.15 10.86 -0.06
CA HIS A 184 -5.85 11.41 -0.40
C HIS A 184 -5.19 12.00 0.82
N PHE A 185 -3.88 11.83 0.93
CA PHE A 185 -3.15 12.18 2.17
C PHE A 185 -2.41 13.48 2.04
N THR A 186 -2.33 14.18 3.14
CA THR A 186 -1.39 15.25 3.30
C THR A 186 -0.03 14.64 3.74
N GLU A 187 1.08 15.31 3.43
CA GLU A 187 2.40 14.86 3.92
C GLU A 187 2.43 14.76 5.45
N LYS A 188 1.88 15.76 6.12
CA LYS A 188 1.90 15.75 7.57
C LYS A 188 1.23 14.50 8.12
N GLU A 189 0.07 14.21 7.56
CA GLU A 189 -0.80 13.11 7.98
C GLU A 189 -0.10 11.76 7.79
N LEU A 190 0.54 11.57 6.64
CA LEU A 190 1.26 10.33 6.37
C LEU A 190 2.47 10.22 7.25
N VAL A 191 3.21 11.31 7.39
CA VAL A 191 4.41 11.29 8.23
C VAL A 191 4.06 10.86 9.64
N PHE A 192 3.04 11.46 10.22
CA PHE A 192 2.69 11.17 11.61
C PHE A 192 2.05 9.80 11.81
N LEU A 193 1.33 9.34 10.80
CA LEU A 193 0.78 8.00 10.81
C LEU A 193 1.92 7.02 11.06
N LEU A 194 3.06 7.31 10.42
CA LEU A 194 4.25 6.47 10.52
C LEU A 194 5.04 6.72 11.80
N THR A 195 5.32 7.98 12.11
CA THR A 195 6.18 8.29 13.24
C THR A 195 5.44 8.13 14.58
N ASP A 196 4.11 8.13 14.56
CA ASP A 196 3.39 7.87 15.80
C ASP A 196 3.51 6.40 16.17
N CYS A 197 3.73 5.55 15.17
CA CYS A 197 3.88 4.11 15.39
C CYS A 197 5.34 3.68 15.38
N ARG A 198 6.22 4.64 15.63
CA ARG A 198 7.64 4.38 15.84
C ARG A 198 8.46 3.97 14.60
N PHE A 199 8.03 4.43 13.43
CA PHE A 199 8.85 4.29 12.24
C PHE A 199 9.67 5.56 12.10
N GLU A 200 10.84 5.45 11.48
CA GLU A 200 11.56 6.65 11.09
C GLU A 200 11.54 6.74 9.56
N ILE A 201 11.44 7.94 9.03
CA ILE A 201 11.48 8.11 7.58
C ILE A 201 12.91 8.10 7.08
N ASP A 202 13.24 7.12 6.23
CA ASP A 202 14.58 7.04 5.65
C ASP A 202 14.65 7.60 4.23
N TYR A 203 13.56 7.44 3.48
CA TYR A 203 13.49 7.89 2.10
C TYR A 203 12.13 8.53 1.81
N PHE A 204 12.12 9.67 1.12
CA PHE A 204 10.88 10.38 0.86
C PHE A 204 10.95 11.16 -0.44
N ARG A 205 10.05 10.85 -1.37
CA ARG A 205 9.93 11.62 -2.61
C ARG A 205 8.48 11.94 -2.91
N VAL A 206 8.25 13.15 -3.41
CA VAL A 206 6.98 13.46 -4.04
C VAL A 206 7.16 13.09 -5.48
N LYS A 207 6.24 12.27 -6.02
CA LYS A 207 6.29 11.80 -7.40
C LYS A 207 4.93 11.97 -8.05
N GLU A 208 4.94 12.07 -9.37
CA GLU A 208 3.72 11.99 -10.14
C GLU A 208 3.29 10.54 -10.30
N LEU A 209 2.09 10.23 -9.81
CA LEU A 209 1.58 8.87 -9.82
C LEU A 209 0.39 8.78 -10.79
N GLU A 210 0.00 7.56 -11.14
CA GLU A 210 -1.18 7.38 -11.96
C GLU A 210 -2.28 6.77 -11.11
N THR A 211 -3.47 7.38 -11.10
CA THR A 211 -4.55 6.78 -10.30
C THR A 211 -5.12 5.55 -10.97
N ARG A 212 -5.79 4.73 -10.16
CA ARG A 212 -6.52 3.56 -10.66
C ARG A 212 -7.43 3.88 -11.86
N THR A 213 -7.61 5.16 -12.16
CA THR A 213 -8.41 5.56 -13.32
C THR A 213 -7.64 6.33 -14.40
N GLY A 214 -6.32 6.44 -14.25
CA GLY A 214 -5.49 7.06 -15.28
C GLY A 214 -5.13 8.53 -15.11
N ASN A 215 -5.55 9.14 -14.00
CA ASN A 215 -5.18 10.52 -13.73
C ASN A 215 -3.73 10.65 -13.26
N LYS A 216 -3.06 11.70 -13.72
CA LYS A 216 -1.73 12.01 -13.24
C LYS A 216 -1.82 12.96 -12.07
N ILE A 217 -1.55 12.44 -10.88
CA ILE A 217 -1.54 13.28 -9.69
C ILE A 217 -0.28 13.07 -8.83
N LEU A 218 0.02 14.06 -8.01
CA LEU A 218 1.17 13.96 -7.10
C LEU A 218 0.87 13.02 -5.93
N GLY A 219 1.87 12.21 -5.58
CA GLY A 219 1.81 11.37 -4.39
C GLY A 219 3.19 11.21 -3.75
N PHE A 220 3.32 10.22 -2.89
CA PHE A 220 4.51 10.06 -2.07
C PHE A 220 5.09 8.68 -2.26
N VAL A 221 6.42 8.59 -2.32
CA VAL A 221 7.10 7.32 -2.17
C VAL A 221 7.95 7.43 -0.91
N ILE A 222 7.78 6.49 0.01
CA ILE A 222 8.43 6.59 1.32
C ILE A 222 9.01 5.24 1.71
N ILE A 223 10.25 5.26 2.20
CA ILE A 223 10.82 4.11 2.87
C ILE A 223 10.91 4.46 4.34
N ALA A 224 10.16 3.76 5.19
CA ALA A 224 10.25 3.97 6.63
C ALA A 224 10.95 2.80 7.30
N GLN A 225 11.66 3.07 8.40
CA GLN A 225 12.34 2.00 9.11
C GLN A 225 11.82 1.86 10.51
N LYS A 226 11.53 0.62 10.88
CA LYS A 226 11.05 0.31 12.21
C LYS A 226 12.19 0.51 13.22
N LEU A 227 11.91 1.29 14.26
CA LEU A 227 12.87 1.64 15.29
C LEU A 227 13.20 0.43 16.17
N LEU A 228 14.45 0.36 16.61
CA LEU A 228 14.89 -0.68 17.54
C LEU A 228 14.40 -0.37 18.96
N GLU A 229 13.97 -1.39 19.69
CA GLU A 229 13.45 -1.21 21.05
C GLU A 229 14.54 -0.83 22.04
CA CA B . -19.66 12.26 -12.14
CA CA C . -19.88 0.01 -12.17
C1 PEG D . -26.41 10.21 -13.67
O1 PEG D . -27.54 9.36 -13.29
C2 PEG D . -26.84 11.58 -14.22
O2 PEG D . -25.78 12.54 -14.57
C3 PEG D . -24.87 13.06 -13.54
C4 PEG D . -23.89 14.03 -14.19
O4 PEG D . -23.04 14.66 -13.19
#